data_3GQH
#
_entry.id   3GQH
#
_cell.length_a   81.144
_cell.length_b   84.158
_cell.length_c   86.228
_cell.angle_alpha   90.000
_cell.angle_beta   90.000
_cell.angle_gamma   90.000
#
_symmetry.space_group_name_H-M   'P 21 21 21'
#
loop_
_entity.id
_entity.type
_entity.pdbx_description
1 polymer 'Preneck appendage protein'
2 water water
#
_entity_poly.entity_id   1
_entity_poly.type   'polypeptide(L)'
_entity_poly.pdbx_seq_one_letter_code
;DFAEYFESLGGQVIETGYLVTLEKGKIRKAEKGEKIIGVISETAGFVLGESSFEWQGAVLKNEFGGIIYEEVTTEDGVKF
KRPLPNPDFDPNKNYIPRSQRREWHVVGLLGQIAVRIDETVKQGHSIDAVGGVATDGDNFIVQEITTPYTKEKGYGVAIV
LVK
;
_entity_poly.pdbx_strand_id   A,B,C
#
# COMPACT_ATOMS: atom_id res chain seq x y z
N ASP A 1 5.75 4.65 5.34
CA ASP A 1 5.70 3.98 4.00
C ASP A 1 5.36 2.50 4.09
N PHE A 2 4.90 1.95 2.97
CA PHE A 2 4.54 0.55 2.86
C PHE A 2 5.68 -0.18 2.16
N ALA A 3 6.14 -1.26 2.77
CA ALA A 3 7.36 -1.94 2.32
C ALA A 3 7.23 -3.45 2.25
N GLU A 4 8.12 -4.07 1.49
CA GLU A 4 8.27 -5.54 1.51
C GLU A 4 9.74 -5.91 1.58
N TYR A 5 10.00 -7.15 1.97
CA TYR A 5 11.37 -7.67 1.94
C TYR A 5 11.76 -8.17 0.56
N PHE A 6 12.96 -7.78 0.13
CA PHE A 6 13.57 -8.28 -1.11
C PHE A 6 15.03 -8.62 -0.82
N GLU A 7 15.58 -9.57 -1.57
CA GLU A 7 16.96 -10.03 -1.39
C GLU A 7 17.88 -9.30 -2.36
N SER A 8 19.07 -8.92 -1.91
CA SER A 8 20.00 -8.27 -2.82
C SER A 8 20.66 -9.28 -3.77
N LEU A 9 20.94 -8.81 -4.99
CA LEU A 9 21.48 -9.64 -6.06
C LEU A 9 22.81 -10.30 -5.72
N GLY A 10 23.69 -9.56 -5.05
CA GLY A 10 25.02 -10.08 -4.73
C GLY A 10 25.13 -10.53 -3.29
N GLY A 11 24.01 -10.44 -2.57
CA GLY A 11 23.96 -10.82 -1.17
C GLY A 11 24.63 -9.85 -0.22
N GLN A 12 24.97 -8.66 -0.70
CA GLN A 12 25.54 -7.64 0.18
C GLN A 12 24.53 -6.55 0.51
N VAL A 13 24.87 -5.73 1.49
CA VAL A 13 23.97 -4.70 2.03
C VAL A 13 23.93 -3.51 1.06
N ILE A 14 22.72 -3.07 0.75
CA ILE A 14 22.48 -1.80 0.07
C ILE A 14 21.97 -0.85 1.16
N GLU A 15 22.66 0.28 1.34
CA GLU A 15 22.39 1.17 2.46
C GLU A 15 21.07 1.92 2.24
N THR A 16 20.54 2.50 3.31
CA THR A 16 19.25 3.17 3.23
C THR A 16 19.33 4.39 2.32
N GLY A 17 18.23 4.64 1.60
CA GLY A 17 18.12 5.82 0.77
C GLY A 17 18.47 5.62 -0.69
N TYR A 18 19.02 4.46 -1.04
CA TYR A 18 19.32 4.13 -2.43
C TYR A 18 18.09 3.61 -3.16
N LEU A 19 17.91 4.07 -4.40
CA LEU A 19 16.85 3.64 -5.29
C LEU A 19 17.24 2.29 -5.87
N VAL A 20 16.31 1.33 -5.86
CA VAL A 20 16.61 -0.01 -6.34
C VAL A 20 15.71 -0.48 -7.50
N THR A 21 16.24 -1.41 -8.29
CA THR A 21 15.48 -2.08 -9.32
C THR A 21 15.61 -3.59 -9.14
N LEU A 22 14.92 -4.37 -9.97
CA LEU A 22 15.02 -5.83 -9.92
C LEU A 22 15.85 -6.35 -11.08
N GLU A 23 16.69 -7.33 -10.78
CA GLU A 23 17.38 -8.10 -11.81
C GLU A 23 17.39 -9.55 -11.31
N LYS A 24 16.95 -10.46 -12.17
CA LYS A 24 16.83 -11.87 -11.82
C LYS A 24 16.17 -12.09 -10.45
N GLY A 25 15.12 -11.32 -10.17
CA GLY A 25 14.32 -11.52 -8.96
C GLY A 25 14.91 -10.96 -7.67
N LYS A 26 16.04 -10.29 -7.80
CA LYS A 26 16.74 -9.73 -6.65
C LYS A 26 16.99 -8.24 -6.85
N ILE A 27 17.31 -7.52 -5.79
CA ILE A 27 17.49 -6.07 -5.93
C ILE A 27 18.94 -5.62 -6.11
N ARG A 28 19.10 -4.55 -6.88
CA ARG A 28 20.34 -3.80 -6.95
C ARG A 28 20.04 -2.33 -7.16
N LYS A 29 21.06 -1.49 -6.99
CA LYS A 29 20.90 -0.05 -7.25
C LYS A 29 20.43 0.22 -8.67
N ALA A 30 19.47 1.12 -8.81
CA ALA A 30 18.89 1.45 -10.12
C ALA A 30 19.81 2.35 -10.93
N GLU A 31 19.77 2.17 -12.25
CA GLU A 31 20.59 2.95 -13.18
C GLU A 31 19.69 3.62 -14.23
N LYS A 32 20.30 4.44 -15.08
CA LYS A 32 19.60 5.13 -16.15
C LYS A 32 18.59 4.26 -16.89
N GLY A 33 17.36 4.77 -16.98
CA GLY A 33 16.34 4.13 -17.80
C GLY A 33 15.76 2.84 -17.28
N GLU A 34 16.01 2.52 -16.02
CA GLU A 34 15.50 1.28 -15.44
C GLU A 34 14.29 1.58 -14.58
N LYS A 35 13.44 0.58 -14.40
CA LYS A 35 12.25 0.70 -13.57
C LYS A 35 12.68 0.80 -12.12
N ILE A 36 12.40 1.92 -11.48
CA ILE A 36 12.70 2.08 -10.05
C ILE A 36 11.53 1.49 -9.24
N ILE A 37 11.81 0.44 -8.47
CA ILE A 37 10.75 -0.26 -7.74
C ILE A 37 10.51 0.32 -6.36
N GLY A 38 11.52 1.00 -5.84
CA GLY A 38 11.40 1.54 -4.49
C GLY A 38 12.76 1.94 -3.94
N VAL A 39 12.80 2.11 -2.61
CA VAL A 39 13.97 2.71 -1.93
C VAL A 39 14.25 1.89 -0.70
N ILE A 40 15.52 1.64 -0.40
CA ILE A 40 15.81 1.03 0.92
C ILE A 40 15.35 1.99 2.01
N SER A 41 14.51 1.47 2.92
CA SER A 41 13.82 2.29 3.92
C SER A 41 14.02 1.82 5.35
N GLU A 42 14.20 2.79 6.26
CA GLU A 42 14.24 2.58 7.71
C GLU A 42 12.98 3.06 8.41
N THR A 43 12.03 3.59 7.64
CA THR A 43 10.85 4.25 8.20
C THR A 43 9.54 3.49 7.97
N ALA A 44 9.64 2.29 7.40
N ALA A 44 9.65 2.25 7.51
CA ALA A 44 8.44 1.55 7.00
CA ALA A 44 8.45 1.46 7.18
C ALA A 44 7.61 1.16 8.21
C ALA A 44 7.69 0.96 8.41
N GLY A 45 6.35 1.59 8.22
N GLY A 45 8.40 0.32 9.33
CA GLY A 45 5.44 1.26 9.31
CA GLY A 45 7.77 -0.25 10.53
C GLY A 45 4.77 -0.08 9.07
C GLY A 45 7.39 -1.70 10.33
N PHE A 46 4.58 -0.42 7.80
N PHE A 46 6.10 -1.96 10.10
CA PHE A 46 4.04 -1.72 7.43
CA PHE A 46 5.61 -3.27 9.70
C PHE A 46 5.03 -2.42 6.52
C PHE A 46 5.88 -3.51 8.21
N VAL A 47 5.45 -3.61 6.95
N VAL A 47 6.59 -4.58 7.90
CA VAL A 47 6.43 -4.40 6.19
CA VAL A 47 7.04 -4.85 6.53
C VAL A 47 6.00 -5.86 6.10
C VAL A 47 6.56 -6.24 6.12
N LEU A 48 6.09 -6.39 4.88
CA LEU A 48 5.49 -7.66 4.47
C LEU A 48 6.45 -8.61 3.75
N GLY A 49 6.06 -9.88 3.66
CA GLY A 49 6.81 -10.88 2.93
C GLY A 49 8.02 -11.42 3.66
N GLU A 50 7.95 -11.40 5.00
CA GLU A 50 9.04 -11.91 5.84
C GLU A 50 9.17 -13.44 5.73
N SER A 51 8.05 -14.13 5.51
CA SER A 51 8.06 -15.58 5.33
C SER A 51 7.26 -16.02 4.10
N SER A 52 7.04 -15.08 3.18
CA SER A 52 6.31 -15.35 1.95
C SER A 52 7.16 -16.18 0.98
N PHE A 53 6.48 -17.04 0.22
CA PHE A 53 7.10 -17.87 -0.81
C PHE A 53 8.27 -18.71 -0.28
N GLU A 54 8.03 -19.31 0.88
CA GLU A 54 8.93 -20.29 1.48
C GLU A 54 8.32 -21.68 1.34
N TRP A 55 8.84 -22.48 0.41
CA TRP A 55 8.32 -23.83 0.20
C TRP A 55 9.16 -24.91 0.90
N GLN A 56 9.91 -24.52 1.93
CA GLN A 56 10.67 -25.49 2.72
C GLN A 56 10.41 -25.41 4.23
N GLY A 57 9.34 -24.71 4.59
CA GLY A 57 8.92 -24.54 5.99
C GLY A 57 8.09 -25.70 6.51
N ALA A 58 7.58 -25.54 7.74
CA ALA A 58 6.87 -26.62 8.44
C ALA A 58 5.50 -26.96 7.84
N VAL A 59 4.83 -25.92 7.36
CA VAL A 59 3.46 -26.03 6.82
C VAL A 59 3.53 -26.03 5.28
N LEU A 60 2.74 -26.90 4.65
CA LEU A 60 2.73 -27.05 3.20
C LEU A 60 2.02 -25.86 2.56
N LYS A 61 2.62 -25.28 1.53
CA LYS A 61 1.99 -24.19 0.78
C LYS A 61 1.70 -24.63 -0.65
N ASN A 62 0.68 -24.06 -1.27
CA ASN A 62 0.39 -24.39 -2.66
C ASN A 62 1.27 -23.56 -3.60
N GLU A 63 1.09 -23.74 -4.91
CA GLU A 63 1.99 -23.12 -5.89
C GLU A 63 1.86 -21.59 -5.91
N PHE A 64 0.80 -21.08 -5.30
CA PHE A 64 0.57 -19.62 -5.19
C PHE A 64 1.00 -19.01 -3.85
N GLY A 65 1.64 -19.83 -3.01
CA GLY A 65 2.10 -19.42 -1.70
C GLY A 65 1.10 -19.47 -0.56
N GLY A 66 -0.10 -19.99 -0.82
CA GLY A 66 -1.14 -20.06 0.19
C GLY A 66 -0.97 -21.33 1.00
N ILE A 67 -1.38 -21.27 2.26
CA ILE A 67 -1.35 -22.44 3.13
C ILE A 67 -2.36 -23.46 2.60
N ILE A 68 -1.95 -24.72 2.49
CA ILE A 68 -2.87 -25.80 2.13
C ILE A 68 -3.52 -26.33 3.40
N TYR A 69 -4.86 -26.26 3.47
CA TYR A 69 -5.62 -26.73 4.62
C TYR A 69 -6.29 -28.08 4.35
N GLU A 70 -6.16 -28.97 5.32
CA GLU A 70 -6.91 -30.21 5.31
C GLU A 70 -8.33 -29.93 5.78
N GLU A 71 -9.30 -30.57 5.14
CA GLU A 71 -10.69 -30.53 5.57
C GLU A 71 -10.88 -31.68 6.54
N VAL A 72 -11.09 -31.36 7.81
CA VAL A 72 -11.21 -32.35 8.87
C VAL A 72 -12.68 -32.43 9.33
N THR A 73 -13.17 -33.65 9.50
CA THR A 73 -14.56 -33.90 9.88
C THR A 73 -14.61 -34.55 11.27
N THR A 74 -15.41 -33.98 12.17
CA THR A 74 -15.64 -34.58 13.48
C THR A 74 -16.68 -35.69 13.35
N GLU A 75 -16.85 -36.48 14.40
CA GLU A 75 -17.80 -37.60 14.38
C GLU A 75 -19.26 -37.18 14.12
N ASP A 76 -19.55 -35.90 14.34
CA ASP A 76 -20.90 -35.33 14.18
C ASP A 76 -21.16 -34.79 12.77
N GLY A 77 -20.08 -34.59 12.00
CA GLY A 77 -20.21 -34.04 10.66
C GLY A 77 -19.69 -32.63 10.57
N VAL A 78 -19.30 -32.05 11.72
CA VAL A 78 -18.71 -30.71 11.79
C VAL A 78 -17.33 -30.71 11.13
N LYS A 79 -17.13 -29.75 10.23
CA LYS A 79 -15.92 -29.66 9.45
C LYS A 79 -15.15 -28.40 9.78
N PHE A 80 -13.82 -28.52 9.81
CA PHE A 80 -12.96 -27.40 10.09
C PHE A 80 -11.62 -27.56 9.37
N LYS A 81 -10.87 -26.46 9.28
CA LYS A 81 -9.61 -26.44 8.56
C LYS A 81 -8.41 -26.66 9.47
N ARG A 82 -7.42 -27.38 8.95
CA ARG A 82 -6.19 -27.66 9.67
C ARG A 82 -5.03 -27.64 8.67
N PRO A 83 -3.98 -26.85 8.95
CA PRO A 83 -2.80 -26.79 8.08
C PRO A 83 -2.14 -28.15 7.86
N LEU A 84 -1.64 -28.38 6.66
CA LEU A 84 -0.98 -29.62 6.31
C LEU A 84 0.52 -29.51 6.55
N PRO A 85 1.12 -30.49 7.26
CA PRO A 85 2.57 -30.52 7.48
C PRO A 85 3.32 -30.79 6.18
N ASN A 86 4.51 -30.19 6.04
CA ASN A 86 5.35 -30.34 4.86
C ASN A 86 6.23 -31.59 4.95
N PRO A 87 6.14 -32.49 3.95
CA PRO A 87 6.97 -33.70 3.89
C PRO A 87 8.45 -33.39 3.65
N ASP A 88 8.71 -32.36 2.84
CA ASP A 88 10.06 -31.94 2.49
C ASP A 88 10.74 -31.11 3.61
N PHE A 89 10.01 -30.85 4.69
CA PHE A 89 10.55 -30.08 5.82
C PHE A 89 11.51 -30.92 6.64
N ASP A 90 12.65 -30.31 6.95
CA ASP A 90 13.68 -30.94 7.78
C ASP A 90 13.97 -30.05 8.99
N PRO A 91 13.60 -30.53 10.19
CA PRO A 91 13.80 -29.75 11.42
C PRO A 91 15.25 -29.78 11.90
N ASN A 92 16.08 -30.62 11.27
CA ASN A 92 17.47 -30.78 11.68
C ASN A 92 18.38 -29.64 11.20
N LYS A 93 18.21 -29.21 9.96
CA LYS A 93 19.09 -28.18 9.39
C LYS A 93 18.67 -26.76 9.77
N ASN A 94 19.68 -25.90 9.90
CA ASN A 94 19.53 -24.56 10.47
C ASN A 94 18.61 -23.65 9.65
N TYR A 95 18.03 -22.66 10.32
CA TYR A 95 17.21 -21.64 9.68
C TYR A 95 17.24 -20.33 10.47
N ILE A 96 17.67 -19.25 9.81
CA ILE A 96 17.69 -17.90 10.38
C ILE A 96 16.69 -17.03 9.60
N PRO A 97 15.84 -16.25 10.31
CA PRO A 97 14.77 -15.52 9.61
C PRO A 97 15.30 -14.39 8.74
N ARG A 98 14.54 -14.03 7.70
CA ARG A 98 14.91 -12.97 6.76
C ARG A 98 15.30 -11.66 7.45
N SER A 99 14.55 -11.31 8.49
CA SER A 99 14.80 -10.08 9.25
C SER A 99 16.19 -10.03 9.92
N GLN A 100 16.85 -11.17 10.03
CA GLN A 100 18.18 -11.26 10.64
C GLN A 100 19.30 -11.53 9.64
N ARG A 101 18.98 -11.51 8.34
CA ARG A 101 19.99 -11.77 7.32
C ARG A 101 20.24 -10.50 6.53
N ARG A 102 21.53 -10.15 6.39
CA ARG A 102 21.95 -8.92 5.71
C ARG A 102 21.47 -8.75 4.27
N GLU A 103 21.34 -9.87 3.57
CA GLU A 103 20.95 -9.86 2.17
C GLU A 103 19.48 -9.47 1.99
N TRP A 104 18.69 -9.56 3.04
CA TRP A 104 17.26 -9.21 2.96
C TRP A 104 17.04 -7.77 3.40
N HIS A 105 16.39 -6.99 2.53
CA HIS A 105 16.28 -5.55 2.69
C HIS A 105 14.81 -5.13 2.76
N VAL A 106 14.53 -4.14 3.59
CA VAL A 106 13.22 -3.48 3.59
C VAL A 106 13.20 -2.45 2.46
N VAL A 107 12.32 -2.65 1.49
CA VAL A 107 12.21 -1.77 0.34
C VAL A 107 10.85 -1.08 0.45
N GLY A 108 10.89 0.24 0.62
CA GLY A 108 9.66 1.08 0.60
C GLY A 108 9.13 1.13 -0.82
N LEU A 109 7.85 0.80 -1.00
CA LEU A 109 7.25 0.67 -2.33
C LEU A 109 6.24 1.78 -2.55
N LEU A 110 5.74 2.34 -1.45
CA LEU A 110 4.65 3.34 -1.52
C LEU A 110 4.72 4.26 -0.31
N GLY A 111 4.70 5.56 -0.56
CA GLY A 111 4.62 6.51 0.54
C GLY A 111 5.72 7.56 0.49
N GLN A 112 5.80 8.35 1.56
CA GLN A 112 6.83 9.39 1.66
C GLN A 112 8.10 8.73 2.17
N ILE A 113 9.16 8.78 1.36
CA ILE A 113 10.40 8.03 1.67
C ILE A 113 11.61 8.92 1.42
N ALA A 114 12.61 8.81 2.29
CA ALA A 114 13.86 9.57 2.14
C ALA A 114 14.77 8.91 1.10
N VAL A 115 15.30 9.74 0.19
CA VAL A 115 16.09 9.24 -0.97
C VAL A 115 17.38 10.05 -1.07
N ARG A 116 18.49 9.37 -1.39
CA ARG A 116 19.75 10.03 -1.72
C ARG A 116 19.61 10.77 -3.02
N ILE A 117 20.07 12.02 -3.06
CA ILE A 117 19.95 12.85 -4.27
C ILE A 117 21.30 13.42 -4.71
N ASP A 118 21.40 13.69 -6.01
CA ASP A 118 22.53 14.44 -6.58
C ASP A 118 22.23 15.95 -6.69
N GLU A 119 23.13 16.68 -7.32
N GLU A 119 23.13 16.71 -7.30
CA GLU A 119 23.10 18.14 -7.38
CA GLU A 119 23.02 18.16 -7.30
C GLU A 119 22.10 18.72 -8.39
C GLU A 119 21.90 18.70 -8.20
N THR A 120 21.34 17.85 -9.05
CA THR A 120 20.39 18.29 -10.07
C THR A 120 18.95 18.22 -9.59
N VAL A 121 18.74 17.57 -8.45
CA VAL A 121 17.37 17.27 -7.98
C VAL A 121 16.72 18.50 -7.38
N LYS A 122 15.44 18.70 -7.72
CA LYS A 122 14.72 19.91 -7.32
C LYS A 122 13.36 19.58 -6.73
N GLN A 123 12.98 20.29 -5.68
CA GLN A 123 11.64 20.17 -5.08
C GLN A 123 10.55 20.34 -6.14
N GLY A 124 9.55 19.46 -6.11
CA GLY A 124 8.45 19.55 -7.05
C GLY A 124 8.63 18.85 -8.37
N HIS A 125 9.84 18.33 -8.62
CA HIS A 125 10.13 17.66 -9.87
C HIS A 125 10.20 16.16 -9.63
N SER A 126 10.33 15.40 -10.73
CA SER A 126 10.50 13.96 -10.64
C SER A 126 11.98 13.58 -10.63
N ILE A 127 12.28 12.30 -10.45
CA ILE A 127 13.66 11.83 -10.40
C ILE A 127 13.90 10.62 -11.30
N ASP A 128 15.15 10.43 -11.71
CA ASP A 128 15.59 9.18 -12.32
C ASP A 128 16.73 8.70 -11.42
N ALA A 129 17.37 7.59 -11.78
CA ALA A 129 18.43 7.08 -10.91
C ALA A 129 19.75 6.87 -11.66
N VAL A 130 20.85 7.18 -10.98
CA VAL A 130 22.22 6.85 -11.44
C VAL A 130 22.98 6.29 -10.22
N GLY A 131 23.36 5.02 -10.28
CA GLY A 131 24.03 4.37 -9.14
C GLY A 131 23.15 4.38 -7.89
N GLY A 132 21.84 4.33 -8.10
CA GLY A 132 20.89 4.32 -6.98
C GLY A 132 20.65 5.70 -6.36
N VAL A 133 21.29 6.73 -6.92
CA VAL A 133 21.15 8.09 -6.39
C VAL A 133 20.24 8.86 -7.33
N ALA A 134 19.29 9.62 -6.77
CA ALA A 134 18.32 10.34 -7.57
C ALA A 134 19.00 11.43 -8.38
N THR A 135 18.55 11.56 -9.63
CA THR A 135 18.94 12.67 -10.50
C THR A 135 17.64 13.30 -11.02
N ASP A 136 17.70 14.53 -11.53
CA ASP A 136 16.49 15.17 -12.08
C ASP A 136 15.89 14.27 -13.16
N GLY A 137 14.59 14.01 -13.09
CA GLY A 137 13.97 13.06 -14.01
C GLY A 137 12.46 13.05 -14.01
N ASP A 138 11.89 11.88 -14.30
CA ASP A 138 10.46 11.76 -14.59
C ASP A 138 9.62 10.94 -13.60
N ASN A 139 10.27 10.30 -12.63
CA ASN A 139 9.56 9.41 -11.71
C ASN A 139 9.23 10.13 -10.40
N PHE A 140 8.04 9.88 -9.86
CA PHE A 140 7.67 10.31 -8.50
C PHE A 140 7.62 11.84 -8.40
N ILE A 141 7.56 12.36 -7.17
CA ILE A 141 7.55 13.79 -6.93
C ILE A 141 8.48 14.08 -5.74
N VAL A 142 9.41 15.01 -5.88
CA VAL A 142 10.20 15.43 -4.73
C VAL A 142 9.39 16.35 -3.85
N GLN A 143 9.16 15.93 -2.61
CA GLN A 143 8.43 16.77 -1.67
C GLN A 143 9.26 17.88 -1.06
N GLU A 144 10.42 17.54 -0.54
CA GLU A 144 11.29 18.53 0.04
C GLU A 144 12.70 18.00 0.18
N ILE A 145 13.66 18.89 -0.04
CA ILE A 145 15.04 18.56 0.21
C ILE A 145 15.36 18.83 1.66
N THR A 146 15.60 17.76 2.41
CA THR A 146 15.83 17.87 3.85
C THR A 146 17.30 18.03 4.23
N THR A 147 18.18 17.50 3.37
CA THR A 147 19.63 17.73 3.47
C THR A 147 20.12 18.13 2.09
N PRO A 148 20.39 19.44 1.87
CA PRO A 148 20.86 19.87 0.55
C PRO A 148 22.12 19.12 0.10
N TYR A 149 22.24 18.92 -1.20
CA TYR A 149 23.45 18.33 -1.76
C TYR A 149 24.65 19.24 -1.48
N THR A 150 25.73 18.63 -0.99
CA THR A 150 27.02 19.32 -0.92
C THR A 150 28.08 18.44 -1.60
N LYS A 151 29.11 19.07 -2.17
CA LYS A 151 30.24 18.30 -2.70
C LYS A 151 31.02 17.67 -1.56
N GLU A 152 31.60 16.51 -1.83
CA GLU A 152 32.41 15.77 -0.82
C GLU A 152 31.57 15.11 0.29
N LYS A 153 30.27 15.39 0.29
CA LYS A 153 29.30 14.45 0.83
C LYS A 153 28.99 13.48 -0.30
N GLY A 154 28.80 14.04 -1.49
CA GLY A 154 28.51 13.27 -2.69
C GLY A 154 27.03 13.01 -2.88
N TYR A 155 26.22 13.45 -1.90
CA TYR A 155 24.77 13.31 -1.99
C TYR A 155 24.07 14.28 -1.06
N GLY A 156 22.79 14.52 -1.29
CA GLY A 156 21.93 15.16 -0.30
C GLY A 156 20.78 14.20 -0.02
N VAL A 157 19.79 14.63 0.77
CA VAL A 157 18.61 13.79 1.04
C VAL A 157 17.31 14.57 0.76
N ALA A 158 16.36 13.90 0.12
CA ALA A 158 15.04 14.51 -0.09
C ALA A 158 13.97 13.51 0.30
N ILE A 159 12.82 14.04 0.73
CA ILE A 159 11.63 13.20 0.89
C ILE A 159 10.94 13.19 -0.46
N VAL A 160 10.65 11.98 -0.93
CA VAL A 160 10.06 11.75 -2.24
C VAL A 160 8.77 10.98 -2.05
N LEU A 161 7.70 11.39 -2.75
CA LEU A 161 6.47 10.60 -2.72
C LEU A 161 6.57 9.53 -3.79
N VAL A 162 6.79 8.30 -3.34
CA VAL A 162 6.97 7.13 -4.20
C VAL A 162 5.62 6.43 -4.35
N LYS A 163 5.26 6.13 -5.59
CA LYS A 163 4.04 5.42 -5.92
C LYS A 163 4.35 4.64 -7.20
N ASP B 1 1.81 -9.05 0.26
CA ASP B 1 1.15 -8.06 -0.64
C ASP B 1 0.02 -7.34 0.07
N PHE B 2 -0.31 -6.16 -0.44
CA PHE B 2 -1.34 -5.32 0.14
C PHE B 2 -2.60 -5.49 -0.69
N ALA B 3 -3.71 -5.81 -0.03
CA ALA B 3 -4.93 -6.20 -0.76
C ALA B 3 -6.20 -5.50 -0.29
N GLU B 4 -7.24 -5.55 -1.13
CA GLU B 4 -8.58 -5.14 -0.71
C GLU B 4 -9.63 -6.14 -1.24
N TYR B 5 -10.82 -6.12 -0.66
CA TYR B 5 -11.92 -6.95 -1.17
C TYR B 5 -12.62 -6.29 -2.35
N PHE B 6 -12.91 -7.07 -3.39
CA PHE B 6 -13.73 -6.66 -4.52
C PHE B 6 -14.75 -7.77 -4.81
N GLU B 7 -15.88 -7.39 -5.40
CA GLU B 7 -16.91 -8.37 -5.78
C GLU B 7 -16.78 -8.74 -7.25
N SER B 8 -16.96 -10.02 -7.57
CA SER B 8 -16.89 -10.47 -8.96
C SER B 8 -18.13 -10.08 -9.76
N LEU B 9 -17.95 -9.87 -11.05
CA LEU B 9 -19.00 -9.36 -11.94
C LEU B 9 -20.22 -10.30 -12.04
N GLY B 10 -19.96 -11.60 -12.07
CA GLY B 10 -21.03 -12.59 -12.19
C GLY B 10 -21.31 -13.30 -10.88
N GLY B 11 -20.64 -12.85 -9.82
CA GLY B 11 -20.82 -13.40 -8.48
C GLY B 11 -20.14 -14.74 -8.30
N GLN B 12 -19.41 -15.22 -9.31
CA GLN B 12 -18.76 -16.51 -9.25
C GLN B 12 -17.34 -16.35 -8.74
N VAL B 13 -16.72 -17.47 -8.35
CA VAL B 13 -15.36 -17.44 -7.84
C VAL B 13 -14.29 -17.36 -8.94
N ILE B 14 -13.39 -16.39 -8.80
CA ILE B 14 -12.19 -16.33 -9.62
C ILE B 14 -11.06 -16.91 -8.79
N GLU B 15 -10.38 -17.91 -9.33
CA GLU B 15 -9.35 -18.62 -8.58
C GLU B 15 -8.10 -17.80 -8.30
N THR B 16 -7.32 -18.22 -7.32
CA THR B 16 -6.04 -17.58 -6.99
C THR B 16 -5.17 -17.49 -8.23
N GLY B 17 -4.47 -16.35 -8.37
CA GLY B 17 -3.42 -16.22 -9.37
C GLY B 17 -3.87 -15.60 -10.68
N TYR B 18 -5.19 -15.39 -10.82
CA TYR B 18 -5.69 -14.74 -12.03
C TYR B 18 -5.60 -13.24 -11.95
N LEU B 19 -5.19 -12.63 -13.05
CA LEU B 19 -5.14 -11.17 -13.21
C LEU B 19 -6.54 -10.64 -13.47
N VAL B 20 -6.92 -9.56 -12.78
CA VAL B 20 -8.27 -9.05 -12.92
C VAL B 20 -8.32 -7.58 -13.34
N THR B 21 -9.46 -7.19 -13.90
CA THR B 21 -9.75 -5.79 -14.24
C THR B 21 -11.11 -5.43 -13.64
N LEU B 22 -11.53 -4.16 -13.77
CA LEU B 22 -12.84 -3.74 -13.29
C LEU B 22 -13.81 -3.62 -14.44
N GLU B 23 -15.03 -4.05 -14.22
CA GLU B 23 -16.13 -3.80 -15.14
C GLU B 23 -17.35 -3.49 -14.30
N LYS B 24 -17.92 -2.30 -14.49
CA LYS B 24 -19.10 -1.89 -13.73
C LYS B 24 -18.92 -2.04 -12.22
N GLY B 25 -17.75 -1.64 -11.73
CA GLY B 25 -17.46 -1.65 -10.29
C GLY B 25 -17.15 -3.01 -9.68
N LYS B 26 -17.03 -4.03 -10.54
CA LYS B 26 -16.81 -5.41 -10.12
C LYS B 26 -15.67 -6.03 -10.91
N ILE B 27 -15.11 -7.13 -10.42
CA ILE B 27 -13.90 -7.68 -11.06
C ILE B 27 -14.24 -8.82 -12.00
N ARG B 28 -13.47 -8.92 -13.07
CA ARG B 28 -13.45 -10.13 -13.90
C ARG B 28 -12.04 -10.37 -14.41
N LYS B 29 -11.78 -11.57 -14.93
CA LYS B 29 -10.45 -11.86 -15.48
C LYS B 29 -10.08 -10.86 -16.57
N ALA B 30 -8.84 -10.37 -16.52
CA ALA B 30 -8.39 -9.35 -17.48
C ALA B 30 -8.09 -9.91 -18.86
N GLU B 31 -8.37 -9.11 -19.88
CA GLU B 31 -8.05 -9.48 -21.26
C GLU B 31 -7.00 -8.52 -21.81
N LYS B 32 -6.42 -8.89 -22.94
CA LYS B 32 -5.24 -8.20 -23.45
C LYS B 32 -5.51 -6.73 -23.72
N GLY B 33 -4.64 -5.86 -23.21
CA GLY B 33 -4.81 -4.40 -23.33
C GLY B 33 -5.70 -3.71 -22.32
N GLU B 34 -6.34 -4.48 -21.44
CA GLU B 34 -7.17 -3.88 -20.38
C GLU B 34 -6.34 -3.48 -19.17
N LYS B 35 -6.87 -2.57 -18.37
CA LYS B 35 -6.18 -2.13 -17.17
C LYS B 35 -6.17 -3.26 -16.14
N ILE B 36 -4.99 -3.78 -15.81
CA ILE B 36 -4.92 -4.85 -14.81
C ILE B 36 -4.82 -4.20 -13.44
N ILE B 37 -5.80 -4.45 -12.58
CA ILE B 37 -5.80 -3.75 -11.29
C ILE B 37 -5.11 -4.57 -10.21
N GLY B 38 -4.96 -5.87 -10.45
CA GLY B 38 -4.36 -6.73 -9.43
C GLY B 38 -4.60 -8.20 -9.72
N VAL B 39 -4.36 -9.02 -8.69
CA VAL B 39 -4.33 -10.47 -8.83
C VAL B 39 -5.07 -11.08 -7.65
N ILE B 40 -5.86 -12.14 -7.87
CA ILE B 40 -6.50 -12.82 -6.76
C ILE B 40 -5.40 -13.43 -5.90
N SER B 41 -5.40 -13.14 -4.60
CA SER B 41 -4.26 -13.48 -3.73
C SER B 41 -4.66 -14.29 -2.51
N GLU B 42 -3.79 -15.22 -2.12
CA GLU B 42 -3.95 -15.97 -0.86
C GLU B 42 -2.89 -15.58 0.17
N THR B 43 -1.96 -14.72 -0.24
CA THR B 43 -0.78 -14.36 0.57
C THR B 43 -0.85 -12.97 1.20
N ALA B 44 -1.95 -12.26 0.98
N ALA B 44 -1.98 -12.29 1.02
CA ALA B 44 -2.06 -10.87 1.41
CA ALA B 44 -2.13 -10.91 1.49
C ALA B 44 -1.91 -10.76 2.93
C ALA B 44 -2.02 -10.75 3.00
N GLY B 45 -0.82 -10.11 3.36
N GLY B 45 -2.58 -11.70 3.75
CA GLY B 45 -0.55 -9.90 4.78
CA GLY B 45 -2.52 -11.65 5.21
C GLY B 45 -1.41 -8.78 5.34
C GLY B 45 -3.68 -10.84 5.78
N PHE B 46 -1.91 -7.93 4.45
N PHE B 46 -3.45 -9.54 5.95
CA PHE B 46 -2.83 -6.87 4.83
CA PHE B 46 -4.51 -8.61 6.31
C PHE B 46 -4.00 -6.83 3.86
C PHE B 46 -5.09 -7.99 5.04
N VAL B 47 -5.20 -7.04 4.40
N VAL B 47 -6.41 -7.88 4.98
CA VAL B 47 -6.44 -6.96 3.60
CA VAL B 47 -7.09 -7.39 3.78
C VAL B 47 -7.39 -5.92 4.21
C VAL B 47 -8.04 -6.27 4.16
N LEU B 48 -8.11 -5.23 3.33
CA LEU B 48 -8.94 -4.07 3.67
C LEU B 48 -10.28 -4.03 2.92
N GLY B 49 -11.29 -3.44 3.55
CA GLY B 49 -12.57 -3.22 2.91
C GLY B 49 -13.57 -4.32 3.21
N GLU B 50 -13.48 -4.86 4.42
CA GLU B 50 -14.38 -5.91 4.87
C GLU B 50 -15.76 -5.33 5.23
N SER B 51 -15.78 -4.07 5.65
CA SER B 51 -17.03 -3.39 5.96
C SER B 51 -17.12 -2.03 5.29
N SER B 52 -16.29 -1.82 4.25
CA SER B 52 -16.22 -0.56 3.54
C SER B 52 -17.29 -0.43 2.45
N PHE B 53 -17.83 0.78 2.33
CA PHE B 53 -18.79 1.15 1.27
C PHE B 53 -20.06 0.31 1.24
N GLU B 54 -20.63 0.11 2.42
CA GLU B 54 -21.92 -0.54 2.58
C GLU B 54 -22.67 0.18 3.69
N TRP B 55 -23.82 0.76 3.32
CA TRP B 55 -24.62 1.52 4.27
C TRP B 55 -25.73 0.66 4.89
N GLN B 56 -25.34 -0.48 5.45
CA GLN B 56 -26.26 -1.39 6.13
C GLN B 56 -25.66 -2.02 7.40
N GLY B 57 -24.80 -1.26 8.10
CA GLY B 57 -24.19 -1.69 9.36
C GLY B 57 -24.84 -1.09 10.61
N ALA B 58 -24.15 -1.20 11.75
CA ALA B 58 -24.69 -0.75 13.05
C ALA B 58 -24.76 0.76 13.24
N VAL B 59 -23.82 1.48 12.65
CA VAL B 59 -23.76 2.93 12.77
C VAL B 59 -23.99 3.54 11.38
N LEU B 60 -24.56 4.74 11.34
CA LEU B 60 -24.77 5.44 10.07
C LEU B 60 -23.45 5.98 9.52
N LYS B 61 -23.30 5.91 8.20
CA LYS B 61 -22.12 6.42 7.53
C LYS B 61 -22.48 7.57 6.60
N ASN B 62 -21.56 8.52 6.43
CA ASN B 62 -21.76 9.60 5.49
C ASN B 62 -21.51 9.17 4.04
N GLU B 63 -21.66 10.11 3.11
CA GLU B 63 -21.55 9.79 1.69
C GLU B 63 -20.13 9.37 1.30
N PHE B 64 -19.16 9.59 2.20
CA PHE B 64 -17.76 9.24 1.90
C PHE B 64 -17.32 7.98 2.60
N GLY B 65 -18.28 7.32 3.27
CA GLY B 65 -18.01 6.08 3.99
C GLY B 65 -17.54 6.24 5.41
N GLY B 66 -17.50 7.47 5.91
CA GLY B 66 -17.04 7.75 7.27
C GLY B 66 -18.16 7.61 8.28
N ILE B 67 -17.82 7.22 9.50
CA ILE B 67 -18.83 7.15 10.57
C ILE B 67 -19.34 8.57 10.91
N ILE B 68 -20.66 8.74 11.00
CA ILE B 68 -21.22 10.02 11.43
C ILE B 68 -21.30 10.06 12.95
N TYR B 69 -20.71 11.10 13.55
CA TYR B 69 -20.75 11.30 15.01
C TYR B 69 -21.65 12.46 15.38
N GLU B 70 -22.51 12.22 16.38
CA GLU B 70 -23.25 13.30 17.03
C GLU B 70 -22.35 13.99 18.06
N GLU B 71 -22.43 15.31 18.14
CA GLU B 71 -21.80 16.01 19.24
C GLU B 71 -22.80 16.10 20.40
N VAL B 72 -22.52 15.36 21.47
CA VAL B 72 -23.36 15.35 22.66
C VAL B 72 -22.79 16.31 23.71
N THR B 73 -23.67 17.09 24.33
CA THR B 73 -23.29 18.02 25.39
C THR B 73 -23.91 17.55 26.71
N THR B 74 -23.11 17.43 27.75
CA THR B 74 -23.64 17.08 29.06
C THR B 74 -24.09 18.32 29.83
N GLU B 75 -24.78 18.10 30.93
CA GLU B 75 -25.27 19.18 31.80
C GLU B 75 -24.16 20.09 32.35
N ASP B 76 -22.98 19.52 32.60
CA ASP B 76 -21.85 20.31 33.05
C ASP B 76 -21.27 21.15 31.92
N GLY B 77 -21.26 20.59 30.72
CA GLY B 77 -20.77 21.28 29.53
C GLY B 77 -19.69 20.51 28.81
N VAL B 78 -19.45 19.28 29.24
CA VAL B 78 -18.51 18.39 28.56
C VAL B 78 -19.11 17.97 27.22
N LYS B 79 -18.34 18.17 26.15
CA LYS B 79 -18.76 17.75 24.83
C LYS B 79 -17.99 16.52 24.36
N PHE B 80 -18.72 15.54 23.85
CA PHE B 80 -18.12 14.33 23.33
C PHE B 80 -18.87 13.80 22.09
N LYS B 81 -18.19 12.94 21.35
CA LYS B 81 -18.70 12.38 20.09
C LYS B 81 -19.39 11.05 20.33
N ARG B 82 -20.52 10.85 19.68
CA ARG B 82 -21.25 9.58 19.76
C ARG B 82 -21.79 9.22 18.38
N PRO B 83 -21.48 8.00 17.89
CA PRO B 83 -21.96 7.55 16.59
C PRO B 83 -23.49 7.50 16.52
N LEU B 84 -24.04 7.81 15.34
CA LEU B 84 -25.48 7.75 15.13
C LEU B 84 -25.90 6.33 14.83
N PRO B 85 -26.96 5.84 15.51
CA PRO B 85 -27.42 4.48 15.28
C PRO B 85 -28.03 4.33 13.90
N ASN B 86 -27.80 3.18 13.27
CA ASN B 86 -28.48 2.85 12.03
C ASN B 86 -29.77 2.09 12.33
N PRO B 87 -30.94 2.70 12.03
CA PRO B 87 -32.25 2.10 12.30
C PRO B 87 -32.39 0.68 11.74
N ASP B 88 -31.77 0.44 10.58
CA ASP B 88 -31.79 -0.85 9.88
C ASP B 88 -31.17 -1.99 10.67
N PHE B 89 -30.01 -1.74 11.28
CA PHE B 89 -29.25 -2.74 12.01
C PHE B 89 -30.07 -3.46 13.08
N ASP B 90 -29.97 -4.79 13.07
CA ASP B 90 -30.62 -5.64 14.06
C ASP B 90 -29.54 -6.21 14.98
N PRO B 91 -29.54 -5.78 16.27
CA PRO B 91 -28.50 -6.14 17.23
C PRO B 91 -28.45 -7.64 17.52
N ASN B 92 -29.52 -8.34 17.14
CA ASN B 92 -29.64 -9.77 17.41
C ASN B 92 -29.52 -10.66 16.16
N LYS B 93 -29.07 -10.07 15.06
CA LYS B 93 -28.88 -10.80 13.81
C LYS B 93 -27.41 -11.17 13.57
N ASN B 94 -27.18 -12.32 12.93
CA ASN B 94 -25.84 -12.76 12.58
C ASN B 94 -25.54 -12.49 11.10
N TYR B 95 -24.87 -11.38 10.83
CA TYR B 95 -24.50 -11.01 9.46
C TYR B 95 -23.38 -11.89 8.91
N ILE B 96 -23.43 -12.17 7.61
CA ILE B 96 -22.40 -12.98 6.95
C ILE B 96 -21.30 -12.06 6.41
N PRO B 97 -20.03 -12.31 6.82
CA PRO B 97 -18.90 -11.47 6.40
C PRO B 97 -18.46 -11.79 4.97
N ARG B 98 -17.71 -10.86 4.37
CA ARG B 98 -17.23 -11.00 2.99
C ARG B 98 -16.35 -12.23 2.77
N SER B 99 -15.63 -12.64 3.81
CA SER B 99 -14.76 -13.82 3.72
C SER B 99 -15.53 -15.13 3.57
N GLN B 100 -16.82 -15.09 3.89
CA GLN B 100 -17.69 -16.27 3.74
C GLN B 100 -18.59 -16.19 2.50
N ARG B 101 -18.43 -15.14 1.68
CA ARG B 101 -19.27 -14.96 0.50
C ARG B 101 -18.46 -15.21 -0.76
N ARG B 102 -18.94 -16.11 -1.61
CA ARG B 102 -18.18 -16.53 -2.80
C ARG B 102 -17.88 -15.38 -3.75
N GLU B 103 -18.77 -14.40 -3.80
CA GLU B 103 -18.60 -13.31 -4.76
C GLU B 103 -17.49 -12.33 -4.35
N TRP B 104 -17.09 -12.35 -3.07
CA TRP B 104 -16.07 -11.43 -2.55
C TRP B 104 -14.67 -12.01 -2.58
N HIS B 105 -13.71 -11.26 -3.16
CA HIS B 105 -12.37 -11.76 -3.45
C HIS B 105 -11.28 -10.88 -2.86
N VAL B 106 -10.24 -11.49 -2.33
CA VAL B 106 -9.05 -10.75 -1.92
C VAL B 106 -8.20 -10.48 -3.16
N VAL B 107 -8.03 -9.19 -3.50
CA VAL B 107 -7.28 -8.81 -4.70
C VAL B 107 -6.01 -8.08 -4.25
N GLY B 108 -4.85 -8.65 -4.56
CA GLY B 108 -3.57 -8.00 -4.26
C GLY B 108 -3.37 -6.87 -5.23
N LEU B 109 -3.05 -5.70 -4.69
CA LEU B 109 -2.97 -4.47 -5.48
C LEU B 109 -1.53 -3.95 -5.56
N LEU B 110 -0.70 -4.35 -4.60
CA LEU B 110 0.67 -3.86 -4.52
C LEU B 110 1.52 -4.92 -3.86
N GLY B 111 2.67 -5.23 -4.46
CA GLY B 111 3.67 -6.09 -3.81
C GLY B 111 4.00 -7.29 -4.65
N GLN B 112 4.76 -8.22 -4.08
CA GLN B 112 5.18 -9.41 -4.80
C GLN B 112 4.04 -10.42 -4.72
N ILE B 113 3.52 -10.81 -5.87
CA ILE B 113 2.32 -11.65 -5.90
C ILE B 113 2.50 -12.80 -6.92
N ALA B 114 2.01 -13.98 -6.58
CA ALA B 114 2.07 -15.13 -7.47
C ALA B 114 0.98 -15.03 -8.55
N VAL B 115 1.37 -15.21 -9.80
CA VAL B 115 0.49 -15.01 -10.97
C VAL B 115 0.56 -16.22 -11.88
N ARG B 116 -0.60 -16.62 -12.42
CA ARG B 116 -0.67 -17.65 -13.48
C ARG B 116 -0.03 -17.12 -14.74
N ILE B 117 0.82 -17.94 -15.37
CA ILE B 117 1.52 -17.49 -16.57
C ILE B 117 1.39 -18.50 -17.72
N ASP B 118 1.50 -18.02 -18.95
CA ASP B 118 1.60 -18.96 -20.08
C ASP B 118 3.06 -19.22 -20.45
N GLU B 119 3.27 -19.89 -21.57
CA GLU B 119 4.62 -20.29 -21.97
C GLU B 119 5.49 -19.13 -22.51
N THR B 120 4.89 -17.96 -22.73
CA THR B 120 5.62 -16.82 -23.26
C THR B 120 6.25 -15.90 -22.20
N VAL B 121 5.85 -16.09 -20.95
CA VAL B 121 6.30 -15.20 -19.88
C VAL B 121 7.75 -15.48 -19.50
N LYS B 122 8.52 -14.41 -19.36
CA LYS B 122 9.96 -14.49 -19.08
C LYS B 122 10.35 -13.69 -17.84
N GLN B 123 11.24 -14.25 -17.02
CA GLN B 123 11.85 -13.50 -15.93
C GLN B 123 12.43 -12.20 -16.43
N GLY B 124 12.16 -11.11 -15.70
CA GLY B 124 12.72 -9.80 -16.01
C GLY B 124 12.03 -9.04 -17.12
N HIS B 125 10.90 -9.55 -17.58
CA HIS B 125 10.08 -8.84 -18.54
C HIS B 125 8.73 -8.51 -17.94
N SER B 126 7.91 -7.79 -18.68
CA SER B 126 6.58 -7.45 -18.21
C SER B 126 5.52 -8.43 -18.72
N ILE B 127 4.27 -8.17 -18.37
CA ILE B 127 3.17 -9.08 -18.75
C ILE B 127 1.95 -8.30 -19.26
N ASP B 128 1.11 -8.98 -20.04
CA ASP B 128 -0.27 -8.54 -20.28
C ASP B 128 -1.15 -9.71 -19.86
N ALA B 129 -2.43 -9.66 -20.13
CA ALA B 129 -3.32 -10.74 -19.68
C ALA B 129 -4.14 -11.28 -20.82
N VAL B 130 -4.39 -12.60 -20.83
CA VAL B 130 -5.38 -13.23 -21.70
C VAL B 130 -6.19 -14.22 -20.86
N GLY B 131 -7.49 -13.96 -20.74
CA GLY B 131 -8.32 -14.76 -19.84
C GLY B 131 -7.78 -14.79 -18.43
N GLY B 132 -7.18 -13.68 -18.01
CA GLY B 132 -6.65 -13.59 -16.64
C GLY B 132 -5.29 -14.25 -16.44
N VAL B 133 -4.74 -14.84 -17.50
CA VAL B 133 -3.42 -15.53 -17.40
C VAL B 133 -2.33 -14.65 -18.03
N ALA B 134 -1.20 -14.47 -17.34
CA ALA B 134 -0.16 -13.59 -17.85
C ALA B 134 0.43 -14.10 -19.15
N THR B 135 0.62 -13.17 -20.08
CA THR B 135 1.34 -13.43 -21.32
C THR B 135 2.43 -12.36 -21.42
N ASP B 136 3.43 -12.58 -22.27
CA ASP B 136 4.51 -11.59 -22.44
C ASP B 136 3.94 -10.20 -22.78
N GLY B 137 4.39 -9.17 -22.09
CA GLY B 137 3.81 -7.82 -22.27
C GLY B 137 4.58 -6.71 -21.61
N ASP B 138 3.90 -5.62 -21.27
CA ASP B 138 4.58 -4.40 -20.80
C ASP B 138 4.23 -3.92 -19.40
N ASN B 139 3.36 -4.65 -18.69
CA ASN B 139 2.99 -4.32 -17.30
C ASN B 139 3.87 -5.03 -16.29
N PHE B 140 4.28 -4.30 -15.25
CA PHE B 140 4.91 -4.91 -14.07
C PHE B 140 6.27 -5.52 -14.37
N ILE B 141 6.81 -6.30 -13.42
CA ILE B 141 8.07 -7.01 -13.63
C ILE B 141 7.98 -8.44 -13.13
N VAL B 142 8.33 -9.39 -13.98
CA VAL B 142 8.41 -10.79 -13.56
C VAL B 142 9.69 -11.00 -12.74
N GLN B 143 9.52 -11.37 -11.47
CA GLN B 143 10.66 -11.58 -10.56
C GLN B 143 11.30 -12.94 -10.78
N GLU B 144 10.50 -13.99 -10.74
CA GLU B 144 11.01 -15.33 -11.01
C GLU B 144 9.87 -16.27 -11.28
N ILE B 145 10.16 -17.27 -12.10
CA ILE B 145 9.20 -18.32 -12.40
C ILE B 145 9.43 -19.43 -11.38
N THR B 146 8.44 -19.64 -10.53
CA THR B 146 8.58 -20.57 -9.42
C THR B 146 8.04 -21.94 -9.78
N THR B 147 7.02 -21.95 -10.65
CA THR B 147 6.49 -23.20 -11.21
C THR B 147 6.46 -23.07 -12.74
N PRO B 148 7.41 -23.72 -13.42
CA PRO B 148 7.44 -23.62 -14.89
C PRO B 148 6.13 -24.07 -15.54
N TYR B 149 5.78 -23.40 -16.63
CA TYR B 149 4.63 -23.73 -17.44
C TYR B 149 4.65 -25.21 -17.83
N THR B 150 3.50 -25.86 -17.74
CA THR B 150 3.30 -27.22 -18.21
C THR B 150 2.09 -27.25 -19.13
N LYS B 151 2.27 -27.85 -20.31
CA LYS B 151 1.20 -28.00 -21.28
C LYS B 151 -0.04 -28.69 -20.68
N GLU B 152 0.20 -29.64 -19.78
CA GLU B 152 -0.87 -30.46 -19.20
C GLU B 152 -1.56 -29.79 -18.01
N LYS B 153 -0.98 -28.69 -17.56
CA LYS B 153 -1.59 -27.86 -16.52
C LYS B 153 -2.26 -26.66 -17.18
N GLY B 154 -1.67 -26.19 -18.28
CA GLY B 154 -2.20 -25.06 -19.04
C GLY B 154 -1.70 -23.72 -18.51
N TYR B 155 -0.84 -23.77 -17.51
CA TYR B 155 -0.26 -22.57 -16.88
C TYR B 155 0.99 -22.92 -16.07
N GLY B 156 1.78 -21.89 -15.78
CA GLY B 156 2.86 -21.96 -14.81
C GLY B 156 2.62 -20.86 -13.79
N VAL B 157 3.56 -20.64 -12.89
CA VAL B 157 3.39 -19.62 -11.83
C VAL B 157 4.68 -18.81 -11.72
N ALA B 158 4.52 -17.49 -11.67
CA ALA B 158 5.65 -16.60 -11.45
C ALA B 158 5.32 -15.60 -10.35
N ILE B 159 6.34 -15.14 -9.65
CA ILE B 159 6.19 -14.03 -8.72
C ILE B 159 6.39 -12.79 -9.54
N VAL B 160 5.42 -11.88 -9.47
CA VAL B 160 5.40 -10.64 -10.23
C VAL B 160 5.34 -9.48 -9.23
N LEU B 161 6.12 -8.42 -9.46
CA LEU B 161 6.03 -7.24 -8.61
C LEU B 161 4.95 -6.39 -9.26
N VAL B 162 3.80 -6.32 -8.60
CA VAL B 162 2.64 -5.53 -9.02
C VAL B 162 2.65 -4.17 -8.32
N LYS B 163 2.47 -3.11 -9.11
CA LYS B 163 2.32 -1.74 -8.59
C LYS B 163 1.29 -0.99 -9.45
N ASP C 1 -8.64 1.82 2.65
CA ASP C 1 -7.55 2.29 1.76
C ASP C 1 -6.25 2.45 2.55
N PHE C 2 -5.15 2.59 1.81
CA PHE C 2 -3.83 2.74 2.40
C PHE C 2 -3.52 4.21 2.35
N ALA C 3 -3.20 4.79 3.50
CA ALA C 3 -3.08 6.24 3.61
C ALA C 3 -1.88 6.69 4.43
N GLU C 4 -1.48 7.94 4.24
CA GLU C 4 -0.45 8.55 5.07
C GLU C 4 -0.86 9.95 5.46
N TYR C 5 -0.26 10.47 6.54
CA TYR C 5 -0.49 11.88 6.91
C TYR C 5 0.36 12.83 6.06
N PHE C 6 -0.25 13.91 5.56
CA PHE C 6 0.43 14.99 4.85
C PHE C 6 -0.01 16.33 5.44
N GLU C 7 0.90 17.31 5.43
CA GLU C 7 0.59 18.66 5.90
C GLU C 7 0.08 19.49 4.74
N SER C 8 -0.92 20.33 4.99
CA SER C 8 -1.49 21.17 3.95
C SER C 8 -0.77 22.49 3.75
N LEU C 9 -0.87 23.00 2.51
CA LEU C 9 -0.26 24.26 2.13
C LEU C 9 -0.98 25.38 2.91
N GLY C 10 -0.21 26.25 3.55
CA GLY C 10 -0.80 27.36 4.32
C GLY C 10 -1.73 26.94 5.45
N GLY C 11 -1.58 25.69 5.91
CA GLY C 11 -2.38 25.13 6.99
C GLY C 11 -3.88 25.08 6.74
N GLN C 12 -4.28 25.07 5.46
CA GLN C 12 -5.69 25.08 5.09
C GLN C 12 -6.34 23.74 5.39
N VAL C 13 -7.60 23.77 5.78
CA VAL C 13 -8.36 22.54 5.92
C VAL C 13 -8.87 22.12 4.54
N ILE C 14 -8.75 20.83 4.24
CA ILE C 14 -9.27 20.25 2.99
C ILE C 14 -10.23 19.13 3.39
N GLU C 15 -11.48 19.24 2.97
CA GLU C 15 -12.50 18.29 3.40
C GLU C 15 -12.34 16.93 2.72
N THR C 16 -12.96 15.93 3.34
CA THR C 16 -13.00 14.58 2.80
C THR C 16 -13.47 14.60 1.36
N GLY C 17 -12.81 13.79 0.52
CA GLY C 17 -13.32 13.52 -0.81
C GLY C 17 -12.69 14.37 -1.88
N TYR C 18 -11.89 15.36 -1.48
CA TYR C 18 -11.20 16.20 -2.45
C TYR C 18 -9.91 15.56 -2.91
N LEU C 19 -9.65 15.66 -4.21
CA LEU C 19 -8.39 15.24 -4.82
C LEU C 19 -7.30 16.24 -4.51
N VAL C 20 -6.12 15.73 -4.15
CA VAL C 20 -5.02 16.63 -3.79
C VAL C 20 -3.74 16.43 -4.60
N THR C 21 -2.92 17.48 -4.68
CA THR C 21 -1.61 17.47 -5.31
C THR C 21 -0.59 18.02 -4.29
N LEU C 22 0.68 18.02 -4.63
CA LEU C 22 1.71 18.63 -3.77
C LEU C 22 2.22 19.92 -4.38
N GLU C 23 2.44 20.90 -3.50
CA GLU C 23 3.09 22.15 -3.87
C GLU C 23 4.06 22.46 -2.74
N LYS C 24 5.33 22.61 -3.06
CA LYS C 24 6.36 22.85 -2.05
C LYS C 24 6.25 21.84 -0.89
N GLY C 25 6.04 20.56 -1.23
CA GLY C 25 6.01 19.48 -0.23
C GLY C 25 4.79 19.45 0.68
N LYS C 26 3.80 20.28 0.36
CA LYS C 26 2.55 20.32 1.15
C LYS C 26 1.35 20.10 0.26
N ILE C 27 0.23 19.62 0.80
CA ILE C 27 -0.91 19.31 -0.08
C ILE C 27 -1.88 20.47 -0.29
N ARG C 28 -2.52 20.49 -1.46
CA ARG C 28 -3.62 21.43 -1.72
C ARG C 28 -4.55 20.76 -2.74
N LYS C 29 -5.76 21.30 -2.91
CA LYS C 29 -6.67 20.74 -3.89
C LYS C 29 -6.04 20.75 -5.29
N ALA C 30 -6.28 19.68 -6.06
CA ALA C 30 -5.67 19.51 -7.37
C ALA C 30 -6.43 20.29 -8.40
N GLU C 31 -5.72 20.80 -9.40
CA GLU C 31 -6.33 21.53 -10.51
C GLU C 31 -6.01 20.86 -11.85
N LYS C 32 -6.63 21.34 -12.94
CA LYS C 32 -6.49 20.70 -14.24
C LYS C 32 -5.04 20.37 -14.62
N GLY C 33 -4.80 19.12 -14.98
CA GLY C 33 -3.49 18.69 -15.48
C GLY C 33 -2.44 18.38 -14.43
N GLU C 34 -2.72 18.75 -13.18
CA GLU C 34 -1.77 18.54 -12.10
C GLU C 34 -1.70 17.07 -11.68
N LYS C 35 -0.59 16.67 -11.07
CA LYS C 35 -0.44 15.28 -10.66
C LYS C 35 -1.30 15.06 -9.42
N ILE C 36 -2.27 14.15 -9.51
CA ILE C 36 -3.11 13.85 -8.36
C ILE C 36 -2.43 12.76 -7.53
N ILE C 37 -2.12 13.05 -6.27
CA ILE C 37 -1.39 12.08 -5.43
C ILE C 37 -2.35 11.20 -4.61
N GLY C 38 -3.59 11.67 -4.43
CA GLY C 38 -4.55 10.92 -3.62
C GLY C 38 -5.74 11.78 -3.26
N VAL C 39 -6.48 11.37 -2.24
CA VAL C 39 -7.77 11.94 -1.89
C VAL C 39 -7.85 12.02 -0.37
N ILE C 40 -8.39 13.12 0.15
CA ILE C 40 -8.60 13.20 1.61
C ILE C 40 -9.57 12.08 2.00
N SER C 41 -9.17 11.26 2.97
CA SER C 41 -9.92 10.05 3.29
C SER C 41 -10.40 9.96 4.75
N GLU C 42 -11.61 9.44 4.95
CA GLU C 42 -12.12 9.11 6.29
C GLU C 42 -12.20 7.60 6.50
N THR C 43 -11.83 6.83 5.49
CA THR C 43 -12.00 5.36 5.50
C THR C 43 -10.70 4.57 5.64
N ALA C 44 -9.62 5.25 6.05
N ALA C 44 -9.59 5.24 5.98
CA ALA C 44 -8.28 4.65 6.12
CA ALA C 44 -8.30 4.58 6.02
C ALA C 44 -7.98 3.92 7.42
C ALA C 44 -8.22 3.49 7.07
N GLY C 45 -8.65 4.31 8.51
N GLY C 45 -8.04 2.24 6.63
CA GLY C 45 -8.49 3.63 9.80
CA GLY C 45 -7.87 1.10 7.53
C GLY C 45 -7.10 3.77 10.42
C GLY C 45 -6.45 1.08 8.10
N PHE C 46 -6.35 2.66 10.44
N PHE C 46 -5.62 1.96 7.56
CA PHE C 46 -4.94 2.71 10.78
CA PHE C 46 -4.27 2.21 8.09
C PHE C 46 -4.16 3.19 9.56
C PHE C 46 -3.61 3.49 7.57
N VAL C 47 -3.29 4.19 9.74
N VAL C 47 -3.27 4.36 8.52
CA VAL C 47 -2.54 4.85 8.62
CA VAL C 47 -2.60 5.63 8.28
C VAL C 47 -1.03 5.01 8.93
C VAL C 47 -1.22 5.55 8.91
N LEU C 48 -0.24 5.64 8.03
CA LEU C 48 1.19 5.78 8.35
C LEU C 48 1.75 7.21 8.37
N GLY C 49 2.95 7.33 8.96
CA GLY C 49 3.69 8.59 8.94
C GLY C 49 3.30 9.62 9.98
N GLU C 50 2.75 9.17 11.10
CA GLU C 50 2.50 10.05 12.24
C GLU C 50 3.80 10.54 12.87
N SER C 51 4.80 9.66 12.91
CA SER C 51 6.12 10.00 13.45
C SER C 51 7.18 10.25 12.36
N SER C 52 6.84 9.90 11.12
CA SER C 52 7.80 9.91 10.00
C SER C 52 8.37 11.29 9.67
N PHE C 53 9.69 11.38 9.75
CA PHE C 53 10.45 12.61 9.46
C PHE C 53 10.21 13.73 10.48
N GLU C 54 9.97 13.31 11.72
CA GLU C 54 9.92 14.25 12.84
C GLU C 54 11.28 14.26 13.53
N TRP C 55 12.09 15.26 13.19
CA TRP C 55 13.38 15.44 13.86
C TRP C 55 13.23 16.34 15.10
N GLN C 56 12.00 16.49 15.57
CA GLN C 56 11.68 17.37 16.70
C GLN C 56 11.06 16.58 17.85
N GLY C 57 11.32 15.27 17.88
CA GLY C 57 10.67 14.38 18.84
C GLY C 57 11.54 13.97 20.01
N ALA C 58 11.13 12.91 20.70
CA ALA C 58 11.83 12.42 21.88
C ALA C 58 13.07 11.57 21.57
N VAL C 59 13.11 10.97 20.38
CA VAL C 59 14.27 10.17 19.98
C VAL C 59 14.96 10.79 18.77
N LEU C 60 16.28 10.64 18.68
CA LEU C 60 17.03 11.20 17.57
C LEU C 60 16.92 10.33 16.34
N LYS C 61 16.84 10.96 15.18
CA LYS C 61 16.74 10.26 13.90
C LYS C 61 17.89 10.65 12.97
N ASN C 62 18.30 9.72 12.10
CA ASN C 62 19.33 10.00 11.12
C ASN C 62 18.75 10.78 9.93
N GLU C 63 19.58 11.11 8.94
CA GLU C 63 19.18 11.96 7.81
C GLU C 63 18.12 11.31 6.92
N PHE C 64 17.93 10.00 7.10
CA PHE C 64 16.92 9.25 6.35
C PHE C 64 15.65 9.01 7.16
N GLY C 65 15.62 9.60 8.35
CA GLY C 65 14.46 9.54 9.23
C GLY C 65 14.37 8.28 10.07
N GLY C 66 15.41 7.46 10.03
CA GLY C 66 15.45 6.25 10.83
C GLY C 66 15.89 6.57 12.24
N ILE C 67 15.31 5.87 13.20
CA ILE C 67 15.70 5.98 14.62
C ILE C 67 17.17 5.57 14.75
N ILE C 68 17.91 6.35 15.53
CA ILE C 68 19.29 6.02 15.84
C ILE C 68 19.29 5.25 17.16
N TYR C 69 19.89 4.07 17.14
CA TYR C 69 19.99 3.24 18.34
C TYR C 69 21.40 3.24 18.93
N GLU C 70 21.50 3.39 20.24
CA GLU C 70 22.79 3.17 20.91
C GLU C 70 22.92 1.71 21.32
N GLU C 71 24.16 1.25 21.28
CA GLU C 71 24.52 -0.11 21.68
C GLU C 71 24.88 -0.03 23.15
N VAL C 72 24.12 -0.73 23.98
CA VAL C 72 24.34 -0.71 25.42
C VAL C 72 24.89 -2.05 25.85
N THR C 73 25.85 -2.04 26.76
CA THR C 73 26.37 -3.29 27.32
C THR C 73 26.22 -3.25 28.83
N THR C 74 25.73 -4.36 29.40
CA THR C 74 25.60 -4.49 30.85
C THR C 74 26.90 -5.02 31.47
N GLU C 75 27.03 -4.84 32.78
CA GLU C 75 28.14 -5.35 33.58
C GLU C 75 28.37 -6.85 33.30
N ASP C 76 27.27 -7.58 33.12
CA ASP C 76 27.32 -9.04 32.98
C ASP C 76 27.55 -9.52 31.55
N GLY C 77 27.79 -8.58 30.63
CA GLY C 77 28.12 -8.91 29.24
C GLY C 77 27.00 -8.91 28.20
N VAL C 78 25.78 -8.59 28.61
CA VAL C 78 24.65 -8.56 27.68
C VAL C 78 24.63 -7.27 26.87
N LYS C 79 24.44 -7.41 25.55
CA LYS C 79 24.33 -6.27 24.67
C LYS C 79 22.90 -6.11 24.19
N PHE C 80 22.41 -4.88 24.16
CA PHE C 80 21.11 -4.59 23.56
C PHE C 80 21.09 -3.19 22.97
N LYS C 81 20.08 -2.89 22.16
CA LYS C 81 19.90 -1.58 21.55
C LYS C 81 18.82 -0.78 22.24
N ARG C 82 18.99 0.54 22.27
CA ARG C 82 17.93 1.44 22.75
C ARG C 82 17.98 2.75 21.98
N PRO C 83 16.80 3.36 21.72
CA PRO C 83 16.77 4.61 20.99
C PRO C 83 17.58 5.72 21.64
N LEU C 84 18.24 6.52 20.82
CA LEU C 84 19.07 7.61 21.29
C LEU C 84 18.17 8.79 21.63
N PRO C 85 18.15 9.21 22.91
CA PRO C 85 17.29 10.36 23.23
C PRO C 85 17.77 11.66 22.60
N ASN C 86 16.82 12.52 22.25
CA ASN C 86 17.10 13.86 21.77
C ASN C 86 17.26 14.79 22.95
N PRO C 87 18.49 15.28 23.21
CA PRO C 87 18.72 16.09 24.41
C PRO C 87 18.04 17.46 24.32
N ASP C 88 17.60 17.83 23.11
CA ASP C 88 16.89 19.08 22.88
C ASP C 88 15.36 18.89 22.86
N PHE C 89 14.88 17.81 23.47
CA PHE C 89 13.45 17.54 23.59
C PHE C 89 12.96 17.96 24.97
N ASP C 90 12.01 18.88 25.01
CA ASP C 90 11.42 19.34 26.28
C ASP C 90 10.05 18.69 26.52
N PRO C 91 9.98 17.82 27.55
CA PRO C 91 8.73 17.11 27.85
C PRO C 91 7.62 17.99 28.44
N ASN C 92 7.97 19.21 28.86
CA ASN C 92 7.00 20.14 29.46
C ASN C 92 6.05 20.80 28.47
N LYS C 93 6.42 20.79 27.19
CA LYS C 93 5.63 21.44 26.15
C LYS C 93 4.27 20.78 25.83
N ASN C 94 4.15 19.49 26.14
CA ASN C 94 2.94 18.71 25.85
C ASN C 94 2.53 18.77 24.38
N TYR C 95 3.39 18.21 23.53
CA TYR C 95 3.15 18.20 22.08
C TYR C 95 1.82 17.56 21.70
N ILE C 96 1.21 18.11 20.65
CA ILE C 96 -0.18 17.85 20.26
C ILE C 96 -0.24 16.85 19.11
N PRO C 97 -1.15 15.84 19.20
CA PRO C 97 -1.30 14.83 18.15
C PRO C 97 -1.66 15.39 16.78
N ARG C 98 -1.02 14.83 15.75
CA ARG C 98 -1.30 15.10 14.34
C ARG C 98 -2.80 15.23 14.03
N SER C 99 -3.64 14.48 14.75
CA SER C 99 -5.09 14.45 14.52
C SER C 99 -5.84 15.67 15.06
N GLN C 100 -5.21 16.41 15.97
CA GLN C 100 -5.83 17.60 16.53
C GLN C 100 -5.26 18.86 15.88
N ARG C 101 -4.44 18.67 14.85
CA ARG C 101 -3.86 19.80 14.14
C ARG C 101 -4.55 19.93 12.80
N ARG C 102 -5.22 21.06 12.61
CA ARG C 102 -5.96 21.38 11.40
C ARG C 102 -5.17 21.10 10.11
N GLU C 103 -3.86 21.35 10.14
CA GLU C 103 -3.04 21.26 8.93
C GLU C 103 -2.72 19.81 8.50
N TRP C 104 -2.85 18.85 9.40
CA TRP C 104 -2.49 17.46 9.06
C TRP C 104 -3.69 16.64 8.56
N HIS C 105 -3.53 16.01 7.40
CA HIS C 105 -4.62 15.33 6.70
C HIS C 105 -4.26 13.90 6.35
N VAL C 106 -5.26 13.03 6.50
CA VAL C 106 -5.17 11.65 6.07
C VAL C 106 -5.46 11.62 4.57
N VAL C 107 -4.44 11.23 3.79
CA VAL C 107 -4.57 11.18 2.33
C VAL C 107 -4.52 9.73 1.86
N GLY C 108 -5.60 9.24 1.23
CA GLY C 108 -5.63 7.90 0.67
C GLY C 108 -4.78 7.87 -0.59
N LEU C 109 -3.83 6.95 -0.62
CA LEU C 109 -2.86 6.85 -1.72
C LEU C 109 -3.10 5.66 -2.63
N LEU C 110 -3.76 4.62 -2.11
CA LEU C 110 -3.97 3.36 -2.82
C LEU C 110 -5.27 2.74 -2.34
N GLY C 111 -6.10 2.30 -3.28
CA GLY C 111 -7.27 1.51 -2.93
C GLY C 111 -8.55 2.16 -3.39
N GLN C 112 -9.66 1.59 -2.94
CA GLN C 112 -11.00 2.07 -3.26
C GLN C 112 -11.32 3.23 -2.36
N ILE C 113 -11.50 4.41 -2.95
CA ILE C 113 -11.66 5.64 -2.16
C ILE C 113 -12.81 6.46 -2.68
N ALA C 114 -13.60 7.06 -1.78
CA ALA C 114 -14.70 7.93 -2.20
C ALA C 114 -14.17 9.28 -2.62
N VAL C 115 -14.67 9.78 -3.75
CA VAL C 115 -14.19 11.01 -4.35
C VAL C 115 -15.36 11.90 -4.75
N ARG C 116 -15.23 13.21 -4.50
CA ARG C 116 -16.21 14.18 -5.01
C ARG C 116 -16.16 14.28 -6.51
N ILE C 117 -17.32 14.27 -7.17
CA ILE C 117 -17.37 14.30 -8.63
C ILE C 117 -18.30 15.38 -9.15
N ASP C 118 -18.02 15.83 -10.37
CA ASP C 118 -18.92 16.73 -11.10
C ASP C 118 -19.84 15.92 -12.02
N GLU C 119 -20.61 16.62 -12.84
CA GLU C 119 -21.64 15.97 -13.64
C GLU C 119 -21.11 15.18 -14.87
N THR C 120 -19.82 15.35 -15.18
CA THR C 120 -19.17 14.69 -16.33
C THR C 120 -18.53 13.32 -16.02
N VAL C 121 -18.44 12.98 -14.74
CA VAL C 121 -17.75 11.73 -14.38
C VAL C 121 -18.64 10.53 -14.69
N LYS C 122 -18.04 9.50 -15.28
CA LYS C 122 -18.73 8.29 -15.72
C LYS C 122 -18.07 7.02 -15.20
N GLN C 123 -18.88 6.07 -14.80
CA GLN C 123 -18.37 4.74 -14.40
C GLN C 123 -17.50 4.12 -15.48
N GLY C 124 -16.36 3.57 -15.07
CA GLY C 124 -15.44 2.88 -15.96
C GLY C 124 -14.44 3.76 -16.69
N HIS C 125 -14.50 5.07 -16.47
CA HIS C 125 -13.54 6.00 -17.08
C HIS C 125 -12.64 6.61 -16.02
N SER C 126 -11.70 7.43 -16.43
CA SER C 126 -10.75 8.02 -15.48
C SER C 126 -11.19 9.43 -15.13
N ILE C 127 -10.41 10.11 -14.29
CA ILE C 127 -10.76 11.46 -13.82
C ILE C 127 -9.57 12.42 -13.92
N ASP C 128 -9.85 13.72 -13.98
CA ASP C 128 -8.86 14.78 -13.76
C ASP C 128 -9.47 15.60 -12.61
N ALA C 129 -8.86 16.70 -12.22
CA ALA C 129 -9.43 17.48 -11.11
C ALA C 129 -9.62 18.95 -11.47
N VAL C 130 -10.69 19.54 -10.95
CA VAL C 130 -10.89 20.99 -11.00
C VAL C 130 -11.31 21.42 -9.60
N GLY C 131 -10.48 22.23 -8.95
CA GLY C 131 -10.69 22.63 -7.56
C GLY C 131 -10.82 21.43 -6.64
N GLY C 132 -10.08 20.38 -6.96
CA GLY C 132 -10.13 19.14 -6.15
C GLY C 132 -11.32 18.22 -6.41
N VAL C 133 -12.22 18.61 -7.30
CA VAL C 133 -13.39 17.81 -7.61
C VAL C 133 -13.16 17.05 -8.91
N ALA C 134 -13.46 15.75 -8.95
CA ALA C 134 -13.19 14.92 -10.15
C ALA C 134 -13.98 15.44 -11.35
N THR C 135 -13.34 15.45 -12.52
CA THR C 135 -14.04 15.69 -13.79
C THR C 135 -13.62 14.54 -14.71
N ASP C 136 -14.35 14.29 -15.80
CA ASP C 136 -13.92 13.23 -16.72
C ASP C 136 -12.48 13.45 -17.17
N GLY C 137 -11.67 12.41 -17.15
CA GLY C 137 -10.26 12.52 -17.47
C GLY C 137 -9.53 11.19 -17.60
N ASP C 138 -8.22 11.21 -17.35
CA ASP C 138 -7.30 10.12 -17.67
C ASP C 138 -6.74 9.32 -16.48
N ASN C 139 -6.97 9.80 -15.26
CA ASN C 139 -6.41 9.15 -14.05
C ASN C 139 -7.34 8.15 -13.41
N PHE C 140 -6.78 7.02 -12.97
CA PHE C 140 -7.50 6.06 -12.15
C PHE C 140 -8.67 5.42 -12.90
N ILE C 141 -9.60 4.84 -12.16
CA ILE C 141 -10.76 4.15 -12.74
C ILE C 141 -11.95 4.40 -11.85
N VAL C 142 -13.03 4.98 -12.40
CA VAL C 142 -14.25 5.14 -11.62
C VAL C 142 -14.95 3.80 -11.47
N GLN C 143 -15.05 3.32 -10.23
CA GLN C 143 -15.69 2.04 -9.96
C GLN C 143 -17.20 2.10 -10.01
N GLU C 144 -17.78 3.04 -9.28
CA GLU C 144 -19.21 3.21 -9.30
C GLU C 144 -19.59 4.53 -8.68
N ILE C 145 -20.68 5.10 -9.20
CA ILE C 145 -21.19 6.33 -8.63
C ILE C 145 -22.18 5.98 -7.52
N THR C 146 -21.80 6.29 -6.30
CA THR C 146 -22.59 5.90 -5.13
C THR C 146 -23.59 6.98 -4.72
N THR C 147 -23.27 8.23 -4.98
CA THR C 147 -24.21 9.35 -4.80
C THR C 147 -24.24 10.17 -6.09
N PRO C 148 -25.29 10.01 -6.91
CA PRO C 148 -25.24 10.78 -8.15
C PRO C 148 -25.14 12.28 -7.93
N TYR C 149 -24.49 12.97 -8.86
CA TYR C 149 -24.41 14.42 -8.84
C TYR C 149 -25.79 15.04 -8.72
N THR C 150 -25.95 15.99 -7.81
CA THR C 150 -27.19 16.81 -7.74
C THR C 150 -26.88 18.29 -7.71
N LYS C 151 -27.80 19.09 -8.24
CA LYS C 151 -27.71 20.55 -8.16
C LYS C 151 -27.66 21.03 -6.72
N GLU C 152 -28.50 20.43 -5.88
CA GLU C 152 -28.59 20.83 -4.47
C GLU C 152 -27.23 20.79 -3.76
N LYS C 153 -26.40 19.79 -4.08
CA LYS C 153 -25.08 19.66 -3.42
C LYS C 153 -23.95 20.32 -4.18
N GLY C 154 -24.01 20.29 -5.51
CA GLY C 154 -22.93 20.81 -6.34
C GLY C 154 -21.84 19.77 -6.57
N TYR C 155 -22.11 18.54 -6.14
CA TYR C 155 -21.22 17.41 -6.37
C TYR C 155 -21.98 16.09 -6.21
N GLY C 156 -21.35 15.01 -6.66
CA GLY C 156 -21.78 13.67 -6.37
C GLY C 156 -20.60 12.94 -5.76
N VAL C 157 -20.76 11.65 -5.51
CA VAL C 157 -19.65 10.85 -4.93
C VAL C 157 -19.50 9.56 -5.74
N ALA C 158 -18.25 9.22 -6.06
CA ALA C 158 -17.97 7.94 -6.70
C ALA C 158 -16.86 7.25 -5.95
N ILE C 159 -16.90 5.91 -6.00
CA ILE C 159 -15.75 5.13 -5.53
C ILE C 159 -14.80 5.06 -6.71
N VAL C 160 -13.55 5.44 -6.49
CA VAL C 160 -12.52 5.45 -7.52
C VAL C 160 -11.40 4.52 -7.06
N LEU C 161 -10.88 3.69 -7.96
CA LEU C 161 -9.72 2.86 -7.63
C LEU C 161 -8.48 3.69 -7.88
N VAL C 162 -7.86 4.13 -6.79
CA VAL C 162 -6.66 4.98 -6.85
C VAL C 162 -5.43 4.10 -6.73
N LYS C 163 -4.50 4.23 -7.67
CA LYS C 163 -3.20 3.56 -7.60
C LYS C 163 -2.11 4.51 -8.08
#